data_5UCR
#
_entry.id   5UCR
#
_cell.length_a   137.650
_cell.length_b   137.650
_cell.length_c   72.950
_cell.angle_alpha   90.000
_cell.angle_beta   90.000
_cell.angle_gamma   90.000
#
_symmetry.space_group_name_H-M   'P 41 21 2'
#
loop_
_entity.id
_entity.type
_entity.pdbx_description
1 polymer 'Pantothenate synthetase'
2 non-polymer 'PHOSPHOAMINOPHOSPHONIC ACID-ADENYLATE ESTER'
3 non-polymer ALANINE
4 non-polymer 'MAGNESIUM ION'
5 water water
#
_entity_poly.entity_id   1
_entity_poly.type   'polypeptide(L)'
_entity_poly.pdbx_seq_one_letter_code
;AHHHHHHMQIIHTIRELRTWRENTGKVAFVPTMGNLHEGHLALVREARKRADNVVVSIFVNRLQFGQGEDFDKYPRTLQQ
DADKLAAEGVAVVFAPDEKELYPNVEQRYNVEPPHLQNELCGKFRPGHFRGVATVVSKLFNIVLPDVACFGKKDYQQLAV
IKGLTEDLNFDIEIVPVDTGRAADGLALSSRNRYLSVGERAEAPRLYRELQAVAESLKQGGLDYAGLERQAADHLTAAGW
LVDYVEIRRADTLEMARAGDKKLVVLAAARLGTTRLIDNVEVGLP
;
_entity_poly.pdbx_strand_id   A,B
#
# COMPACT_ATOMS: atom_id res chain seq x y z
N HIS A 7 -33.86 -1.50 -4.70
CA HIS A 7 -32.87 -2.48 -4.32
C HIS A 7 -31.45 -1.88 -4.35
N MET A 8 -31.05 -1.35 -5.51
CA MET A 8 -29.71 -0.78 -5.64
C MET A 8 -29.58 0.52 -4.86
N GLN A 9 -28.43 0.68 -4.20
CA GLN A 9 -28.09 1.87 -3.43
C GLN A 9 -26.96 2.62 -4.10
N ILE A 10 -26.99 3.95 -3.95
CA ILE A 10 -25.86 4.81 -4.26
C ILE A 10 -25.31 5.30 -2.93
N ILE A 11 -24.06 4.97 -2.66
CA ILE A 11 -23.40 5.31 -1.40
C ILE A 11 -22.20 6.21 -1.71
N HIS A 12 -22.07 7.31 -0.96
CA HIS A 12 -21.06 8.32 -1.24
C HIS A 12 -19.93 8.41 -0.23
N THR A 13 -20.14 7.96 1.00
CA THR A 13 -19.13 8.09 2.05
C THR A 13 -18.54 6.73 2.40
N ILE A 14 -17.28 6.74 2.84
CA ILE A 14 -16.63 5.52 3.31
C ILE A 14 -17.41 4.92 4.47
N ARG A 15 -17.87 5.76 5.40
CA ARG A 15 -18.53 5.25 6.60
C ARG A 15 -19.81 4.51 6.25
N GLU A 16 -20.60 5.05 5.32
CA GLU A 16 -21.81 4.37 4.90
C GLU A 16 -21.49 3.09 4.11
N LEU A 17 -20.41 3.10 3.33
CA LEU A 17 -20.03 1.88 2.62
C LEU A 17 -19.67 0.78 3.62
N ARG A 18 -18.84 1.11 4.61
CA ARG A 18 -18.43 0.14 5.62
C ARG A 18 -19.63 -0.39 6.41
N THR A 19 -20.57 0.49 6.77
CA THR A 19 -21.75 0.05 7.52
C THR A 19 -22.58 -0.93 6.70
N TRP A 20 -22.78 -0.65 5.42
CA TRP A 20 -23.52 -1.58 4.58
C TRP A 20 -22.78 -2.91 4.45
N ARG A 21 -21.45 -2.86 4.27
CA ARG A 21 -20.66 -4.04 3.96
C ARG A 21 -20.57 -5.00 5.15
N GLU A 22 -20.69 -4.46 6.37
CA GLU A 22 -20.44 -5.22 7.58
C GLU A 22 -21.42 -6.39 7.71
N ASN A 23 -22.70 -6.14 7.45
CA ASN A 23 -23.71 -7.19 7.58
C ASN A 23 -23.62 -8.21 6.46
N THR A 24 -23.07 -7.78 5.33
CA THR A 24 -23.13 -8.57 4.11
C THR A 24 -22.01 -9.62 4.09
N GLY A 25 -22.33 -10.79 3.53
CA GLY A 25 -21.34 -11.84 3.34
C GLY A 25 -20.38 -11.56 2.20
N LYS A 26 -20.41 -12.39 1.16
CA LYS A 26 -19.41 -12.32 0.09
C LYS A 26 -19.68 -11.11 -0.82
N VAL A 27 -18.61 -10.41 -1.21
CA VAL A 27 -18.73 -9.23 -2.06
C VAL A 27 -17.81 -9.37 -3.27
N ALA A 28 -18.37 -9.16 -4.46
CA ALA A 28 -17.58 -8.99 -5.67
C ALA A 28 -17.53 -7.51 -6.03
N PHE A 29 -16.38 -7.05 -6.51
CA PHE A 29 -16.11 -5.61 -6.65
C PHE A 29 -15.66 -5.27 -8.07
N VAL A 30 -16.24 -4.21 -8.63
CA VAL A 30 -15.78 -3.72 -9.94
C VAL A 30 -15.42 -2.24 -9.87
N PRO A 31 -14.14 -1.87 -9.76
CA PRO A 31 -13.77 -0.45 -9.79
C PRO A 31 -13.78 0.13 -11.21
N THR A 32 -14.46 1.28 -11.37
CA THR A 32 -14.53 1.95 -12.67
C THR A 32 -14.35 3.45 -12.51
N MET A 33 -14.11 4.13 -13.64
CA MET A 33 -14.14 5.58 -13.70
C MET A 33 -15.45 6.13 -14.26
N GLY A 34 -16.51 5.31 -14.27
CA GLY A 34 -17.81 5.74 -14.79
C GLY A 34 -17.83 5.75 -16.31
N ASN A 35 -18.83 6.48 -16.85
CA ASN A 35 -19.09 6.53 -18.28
C ASN A 35 -19.27 5.13 -18.85
N LEU A 36 -20.18 4.37 -18.24
CA LEU A 36 -20.14 2.92 -18.40
C LEU A 36 -20.64 2.49 -19.78
N HIS A 37 -20.03 1.44 -20.31
CA HIS A 37 -20.40 0.83 -21.58
C HIS A 37 -20.40 -0.68 -21.40
N GLU A 38 -20.70 -1.41 -22.49
CA GLU A 38 -20.84 -2.87 -22.41
C GLU A 38 -19.56 -3.56 -21.97
N GLY A 39 -18.39 -2.99 -22.30
CA GLY A 39 -17.15 -3.51 -21.75
C GLY A 39 -17.19 -3.60 -20.24
N HIS A 40 -17.65 -2.53 -19.57
CA HIS A 40 -17.80 -2.54 -18.12
C HIS A 40 -18.80 -3.58 -17.67
N LEU A 41 -19.91 -3.71 -18.40
CA LEU A 41 -20.96 -4.62 -17.97
C LEU A 41 -20.49 -6.06 -18.00
N ALA A 42 -19.54 -6.39 -18.89
CA ALA A 42 -18.90 -7.70 -18.86
C ALA A 42 -18.29 -7.98 -17.50
N LEU A 43 -17.56 -7.00 -16.93
CA LEU A 43 -16.99 -7.20 -15.60
C LEU A 43 -18.09 -7.38 -14.56
N VAL A 44 -19.16 -6.61 -14.68
CA VAL A 44 -20.25 -6.66 -13.71
C VAL A 44 -20.95 -8.01 -13.77
N ARG A 45 -21.17 -8.54 -14.98
CA ARG A 45 -21.75 -9.88 -15.12
C ARG A 45 -20.86 -10.95 -14.49
N GLU A 46 -19.54 -10.86 -14.72
CA GLU A 46 -18.62 -11.81 -14.10
C GLU A 46 -18.67 -11.72 -12.58
N ALA A 47 -18.62 -10.49 -12.06
CA ALA A 47 -18.73 -10.28 -10.61
C ALA A 47 -20.04 -10.88 -10.07
N ARG A 48 -21.14 -10.67 -10.80
CA ARG A 48 -22.44 -11.18 -10.37
C ARG A 48 -22.52 -12.71 -10.42
N LYS A 49 -21.68 -13.37 -11.21
CA LYS A 49 -21.63 -14.83 -11.18
C LYS A 49 -20.95 -15.36 -9.93
N ARG A 50 -20.21 -14.53 -9.21
CA ARG A 50 -19.36 -15.01 -8.13
CA ARG A 50 -19.35 -14.99 -8.13
C ARG A 50 -19.79 -14.54 -6.74
N ALA A 51 -20.74 -13.63 -6.65
CA ALA A 51 -21.20 -13.20 -5.33
C ALA A 51 -22.59 -12.61 -5.46
N ASP A 52 -23.39 -12.77 -4.39
CA ASP A 52 -24.73 -12.20 -4.36
C ASP A 52 -24.68 -10.68 -4.35
N ASN A 53 -23.63 -10.10 -3.80
CA ASN A 53 -23.56 -8.67 -3.60
C ASN A 53 -22.39 -8.10 -4.40
N VAL A 54 -22.71 -7.26 -5.37
CA VAL A 54 -21.72 -6.68 -6.29
C VAL A 54 -21.64 -5.19 -5.99
N VAL A 55 -20.43 -4.70 -5.69
CA VAL A 55 -20.18 -3.26 -5.56
C VAL A 55 -19.50 -2.79 -6.84
N VAL A 56 -20.05 -1.73 -7.45
CA VAL A 56 -19.35 -1.01 -8.52
C VAL A 56 -18.94 0.35 -7.99
N SER A 57 -17.67 0.68 -8.06
CA SER A 57 -17.25 2.02 -7.69
C SER A 57 -17.07 2.86 -8.95
N ILE A 58 -17.50 4.11 -8.86
CA ILE A 58 -17.28 5.12 -9.89
C ILE A 58 -16.46 6.23 -9.23
N PHE A 59 -15.24 6.44 -9.70
CA PHE A 59 -14.36 7.42 -9.06
C PHE A 59 -13.23 7.83 -10.00
N VAL A 60 -12.99 9.14 -10.11
CA VAL A 60 -11.84 9.65 -10.84
C VAL A 60 -11.06 10.59 -9.92
N ASN A 61 -9.74 10.63 -10.11
CA ASN A 61 -8.93 11.69 -9.49
C ASN A 61 -7.76 11.97 -10.44
N ARG A 62 -7.97 12.93 -11.36
CA ARG A 62 -7.02 13.18 -12.43
C ARG A 62 -5.68 13.70 -11.94
N LEU A 63 -5.58 14.14 -10.67
CA LEU A 63 -4.28 14.54 -10.15
C LEU A 63 -3.41 13.33 -9.79
N GLN A 64 -4.04 12.19 -9.47
CA GLN A 64 -3.32 11.01 -8.97
C GLN A 64 -3.17 9.90 -9.99
N PHE A 65 -4.17 9.66 -10.84
CA PHE A 65 -4.08 8.67 -11.90
C PHE A 65 -4.88 9.18 -13.10
N GLY A 66 -4.58 8.65 -14.28
CA GLY A 66 -5.22 9.10 -15.49
C GLY A 66 -4.49 10.20 -16.23
N GLN A 67 -3.25 10.51 -15.84
CA GLN A 67 -2.42 11.50 -16.52
C GLN A 67 -2.26 11.19 -18.01
N ARG A 76 -20.96 11.23 -19.33
CA ARG A 76 -22.19 10.62 -18.82
C ARG A 76 -22.38 10.95 -17.34
N THR A 77 -23.63 11.17 -16.97
CA THR A 77 -23.97 11.52 -15.59
C THR A 77 -23.85 10.29 -14.68
N LEU A 78 -23.90 10.55 -13.38
CA LEU A 78 -23.94 9.46 -12.42
C LEU A 78 -25.25 8.69 -12.54
N GLN A 79 -26.37 9.40 -12.67
CA GLN A 79 -27.66 8.73 -12.75
C GLN A 79 -27.73 7.84 -13.99
N GLN A 80 -27.20 8.33 -15.13
CA GLN A 80 -27.18 7.51 -16.34
C GLN A 80 -26.32 6.27 -16.14
N ASP A 81 -25.21 6.39 -15.40
CA ASP A 81 -24.39 5.23 -15.05
C ASP A 81 -25.12 4.30 -14.10
N ALA A 82 -25.73 4.86 -13.06
CA ALA A 82 -26.46 4.04 -12.10
C ALA A 82 -27.57 3.28 -12.79
N ASP A 83 -28.22 3.92 -13.76
CA ASP A 83 -29.30 3.26 -14.49
C ASP A 83 -28.81 2.02 -15.21
N LYS A 84 -27.66 2.10 -15.90
CA LYS A 84 -27.17 0.92 -16.59
C LYS A 84 -26.86 -0.21 -15.60
N LEU A 85 -26.36 0.14 -14.41
CA LEU A 85 -26.03 -0.88 -13.42
C LEU A 85 -27.24 -1.46 -12.70
N ALA A 86 -28.31 -0.67 -12.55
CA ALA A 86 -29.46 -1.12 -11.79
C ALA A 86 -30.08 -2.37 -12.41
N ALA A 87 -30.07 -2.45 -13.75
CA ALA A 87 -30.57 -3.61 -14.47
C ALA A 87 -29.71 -4.86 -14.30
N GLU A 88 -28.50 -4.73 -13.78
CA GLU A 88 -27.52 -5.81 -13.80
C GLU A 88 -27.37 -6.53 -12.45
N GLY A 89 -28.24 -6.23 -11.50
CA GLY A 89 -28.14 -6.86 -10.19
C GLY A 89 -27.03 -6.32 -9.32
N VAL A 90 -26.62 -5.07 -9.52
CA VAL A 90 -25.62 -4.45 -8.67
C VAL A 90 -26.30 -4.00 -7.39
N ALA A 91 -25.68 -4.28 -6.24
CA ALA A 91 -26.27 -3.90 -4.97
C ALA A 91 -25.86 -2.50 -4.53
N VAL A 92 -24.65 -2.07 -4.84
CA VAL A 92 -24.16 -0.76 -4.40
C VAL A 92 -23.35 -0.13 -5.52
N VAL A 93 -23.68 1.11 -5.87
CA VAL A 93 -22.78 1.98 -6.59
C VAL A 93 -22.09 2.84 -5.53
N PHE A 94 -20.77 2.72 -5.43
CA PHE A 94 -19.96 3.51 -4.50
C PHE A 94 -19.33 4.67 -5.26
N ALA A 95 -19.79 5.89 -4.98
CA ALA A 95 -19.39 7.09 -5.72
C ALA A 95 -18.93 8.19 -4.77
N PRO A 96 -17.77 8.01 -4.15
CA PRO A 96 -17.21 9.07 -3.29
C PRO A 96 -16.67 10.22 -4.12
N ASP A 97 -16.64 11.41 -3.52
CA ASP A 97 -15.99 12.51 -4.22
C ASP A 97 -14.50 12.53 -3.89
N GLU A 98 -13.77 13.42 -4.55
CA GLU A 98 -12.32 13.46 -4.41
C GLU A 98 -11.90 13.61 -2.96
N LYS A 99 -12.54 14.53 -2.23
CA LYS A 99 -12.19 14.80 -0.85
C LYS A 99 -12.46 13.60 0.06
N GLU A 100 -13.44 12.78 -0.27
CA GLU A 100 -13.72 11.61 0.55
C GLU A 100 -12.53 10.67 0.59
N LEU A 101 -11.91 10.41 -0.57
CA LEU A 101 -10.79 9.49 -0.65
C LEU A 101 -9.45 10.15 -0.43
N TYR A 102 -9.34 11.46 -0.71
CA TYR A 102 -8.08 12.18 -0.59
C TYR A 102 -8.35 13.44 0.22
N PRO A 103 -8.59 13.29 1.52
CA PRO A 103 -9.02 14.44 2.32
C PRO A 103 -7.98 15.56 2.41
N ASN A 104 -6.69 15.28 2.26
CA ASN A 104 -5.66 16.32 2.29
C ASN A 104 -5.14 16.67 0.91
N VAL A 105 -5.82 16.22 -0.16
CA VAL A 105 -5.38 16.33 -1.55
C VAL A 105 -4.10 15.54 -1.80
N GLU A 106 -3.03 15.87 -1.07
CA GLU A 106 -1.79 15.13 -1.15
C GLU A 106 -1.98 13.68 -0.69
N GLN A 107 -1.35 12.75 -1.40
CA GLN A 107 -1.26 11.35 -1.01
C GLN A 107 0.17 11.07 -0.54
N ARG A 108 0.36 10.99 0.77
CA ARG A 108 1.73 10.92 1.31
C ARG A 108 2.30 9.52 1.16
N TYR A 109 1.49 8.50 1.41
CA TYR A 109 1.88 7.09 1.35
C TYR A 109 1.29 6.49 0.07
N ASN A 110 2.15 6.03 -0.82
CA ASN A 110 1.72 5.51 -2.11
C ASN A 110 2.18 4.04 -2.24
N VAL A 111 1.39 3.25 -2.94
CA VAL A 111 1.83 1.92 -3.31
C VAL A 111 2.70 2.06 -4.55
N GLU A 112 3.96 1.71 -4.41
CA GLU A 112 4.97 1.96 -5.44
C GLU A 112 5.20 0.66 -6.21
N PRO A 113 4.83 0.58 -7.48
CA PRO A 113 5.10 -0.64 -8.25
C PRO A 113 6.58 -0.78 -8.56
N PRO A 114 7.00 -1.94 -9.10
CA PRO A 114 8.38 -2.06 -9.60
C PRO A 114 8.57 -1.35 -10.94
N HIS A 115 9.73 -1.56 -11.56
CA HIS A 115 10.08 -0.89 -12.81
C HIS A 115 8.98 -1.02 -13.87
N LEU A 116 8.19 -2.10 -13.82
CA LEU A 116 7.05 -2.27 -14.72
C LEU A 116 6.27 -0.98 -14.90
N GLN A 117 6.11 -0.18 -13.83
CA GLN A 117 5.31 1.04 -13.90
C GLN A 117 5.87 2.05 -14.90
N ASN A 118 7.13 1.90 -15.30
CA ASN A 118 7.74 2.79 -16.29
C ASN A 118 7.90 2.14 -17.66
N GLU A 119 7.37 0.95 -17.86
CA GLU A 119 7.45 0.31 -19.17
C GLU A 119 6.11 0.40 -19.87
N LEU A 120 6.11 0.11 -21.16
CA LEU A 120 4.87 -0.03 -21.94
C LEU A 120 4.09 1.27 -21.75
N CYS A 121 2.82 1.24 -21.33
CA CYS A 121 2.07 2.49 -21.21
C CYS A 121 2.69 3.41 -20.18
N GLY A 122 3.28 2.85 -19.12
CA GLY A 122 3.95 3.68 -18.13
C GLY A 122 4.95 4.65 -18.70
N LYS A 123 5.62 4.27 -19.80
CA LYS A 123 6.60 5.18 -20.39
C LYS A 123 5.95 6.46 -20.89
N PHE A 124 4.67 6.40 -21.22
CA PHE A 124 3.95 7.52 -21.78
C PHE A 124 3.00 8.13 -20.77
N ARG A 125 2.92 7.54 -19.58
CA ARG A 125 2.00 7.97 -18.53
C ARG A 125 2.75 8.00 -17.20
N PRO A 126 3.67 8.96 -17.03
CA PRO A 126 4.40 9.05 -15.76
C PRO A 126 3.44 9.19 -14.59
N GLY A 127 3.75 8.47 -13.51
CA GLY A 127 2.94 8.46 -12.31
C GLY A 127 1.63 7.69 -12.37
N HIS A 128 1.19 7.23 -13.55
CA HIS A 128 -0.16 6.65 -13.65
C HIS A 128 -0.30 5.36 -12.86
N PHE A 129 0.64 4.42 -13.02
CA PHE A 129 0.40 3.11 -12.42
C PHE A 129 0.64 3.14 -10.90
N ARG A 130 1.50 4.04 -10.42
CA ARG A 130 1.56 4.27 -8.98
C ARG A 130 0.20 4.74 -8.46
N GLY A 131 -0.43 5.67 -9.17
CA GLY A 131 -1.74 6.16 -8.74
C GLY A 131 -2.82 5.09 -8.79
N VAL A 132 -2.80 4.26 -9.84
CA VAL A 132 -3.76 3.14 -9.92
C VAL A 132 -3.51 2.17 -8.77
N ALA A 133 -2.25 1.79 -8.56
CA ALA A 133 -1.94 0.86 -7.49
C ALA A 133 -2.43 1.40 -6.14
N THR A 134 -2.26 2.71 -5.93
CA THR A 134 -2.64 3.32 -4.66
C THR A 134 -4.15 3.41 -4.51
N VAL A 135 -4.86 3.91 -5.54
CA VAL A 135 -6.30 4.02 -5.37
C VAL A 135 -6.97 2.64 -5.28
N VAL A 136 -6.39 1.63 -5.93
CA VAL A 136 -6.99 0.30 -5.82
C VAL A 136 -6.78 -0.26 -4.42
N SER A 137 -5.58 -0.04 -3.85
CA SER A 137 -5.39 -0.50 -2.48
C SER A 137 -6.37 0.19 -1.53
N LYS A 138 -6.56 1.51 -1.71
CA LYS A 138 -7.50 2.26 -0.87
C LYS A 138 -8.91 1.72 -1.02
N LEU A 139 -9.35 1.49 -2.27
CA LEU A 139 -10.67 0.93 -2.49
C LEU A 139 -10.77 -0.48 -1.92
N PHE A 140 -9.70 -1.27 -2.02
CA PHE A 140 -9.70 -2.60 -1.41
C PHE A 140 -9.91 -2.51 0.10
N ASN A 141 -9.25 -1.55 0.74
CA ASN A 141 -9.35 -1.38 2.19
C ASN A 141 -10.67 -0.79 2.62
N ILE A 142 -11.38 -0.11 1.71
CA ILE A 142 -12.71 0.41 2.03
C ILE A 142 -13.78 -0.65 1.84
N VAL A 143 -13.75 -1.33 0.70
CA VAL A 143 -14.84 -2.22 0.32
C VAL A 143 -14.66 -3.60 0.94
N LEU A 144 -13.41 -4.00 1.19
CA LEU A 144 -13.08 -5.32 1.71
C LEU A 144 -13.76 -6.43 0.90
N PRO A 145 -13.49 -6.51 -0.40
CA PRO A 145 -14.15 -7.52 -1.22
C PRO A 145 -13.47 -8.87 -1.12
N ASP A 146 -14.23 -9.89 -1.51
CA ASP A 146 -13.69 -11.23 -1.68
C ASP A 146 -13.17 -11.45 -3.10
N VAL A 147 -13.74 -10.72 -4.07
CA VAL A 147 -13.50 -10.93 -5.50
C VAL A 147 -13.50 -9.56 -6.16
N ALA A 148 -12.51 -9.30 -7.02
CA ALA A 148 -12.44 -8.06 -7.79
C ALA A 148 -12.17 -8.36 -9.27
N CYS A 149 -12.93 -7.69 -10.15
CA CYS A 149 -12.87 -7.92 -11.59
C CYS A 149 -12.19 -6.78 -12.32
N PHE A 150 -11.32 -7.13 -13.27
CA PHE A 150 -10.55 -6.17 -14.05
C PHE A 150 -10.47 -6.65 -15.48
N GLY A 151 -10.44 -5.70 -16.42
CA GLY A 151 -10.47 -6.02 -17.84
C GLY A 151 -9.08 -6.27 -18.41
N LYS A 152 -8.98 -7.32 -19.23
CA LYS A 152 -7.72 -7.63 -19.89
C LYS A 152 -7.30 -6.57 -20.91
N LYS A 153 -8.22 -5.69 -21.32
CA LYS A 153 -7.83 -4.61 -22.22
C LYS A 153 -6.72 -3.78 -21.62
N ASP A 154 -6.76 -3.57 -20.31
CA ASP A 154 -5.69 -2.86 -19.59
C ASP A 154 -4.80 -3.92 -18.96
N TYR A 155 -3.98 -4.53 -19.82
CA TYR A 155 -3.25 -5.73 -19.43
C TYR A 155 -2.19 -5.42 -18.39
N GLN A 156 -1.46 -4.31 -18.60
CA GLN A 156 -0.43 -3.90 -17.64
C GLN A 156 -1.04 -3.54 -16.29
N GLN A 157 -2.15 -2.80 -16.32
CA GLN A 157 -2.90 -2.52 -15.10
C GLN A 157 -3.28 -3.79 -14.36
N LEU A 158 -3.75 -4.81 -15.10
CA LEU A 158 -4.12 -6.07 -14.47
C LEU A 158 -2.91 -6.72 -13.80
N ALA A 159 -1.76 -6.71 -14.48
CA ALA A 159 -0.55 -7.26 -13.87
C ALA A 159 -0.15 -6.46 -12.64
N VAL A 160 -0.31 -5.13 -12.67
CA VAL A 160 0.04 -4.32 -11.50
C VAL A 160 -0.87 -4.69 -10.32
N ILE A 161 -2.14 -4.93 -10.59
CA ILE A 161 -3.09 -5.22 -9.51
C ILE A 161 -2.89 -6.63 -8.98
N LYS A 162 -2.59 -7.59 -9.86
CA LYS A 162 -2.23 -8.92 -9.38
C LYS A 162 -0.99 -8.84 -8.51
N GLY A 163 -0.02 -8.01 -8.91
CA GLY A 163 1.22 -7.91 -8.16
C GLY A 163 1.02 -7.34 -6.77
N LEU A 164 0.35 -6.19 -6.67
CA LEU A 164 0.15 -5.60 -5.35
C LEU A 164 -0.75 -6.47 -4.48
N THR A 165 -1.67 -7.23 -5.09
CA THR A 165 -2.55 -8.06 -4.30
C THR A 165 -1.75 -9.17 -3.62
N GLU A 166 -0.83 -9.78 -4.35
CA GLU A 166 0.04 -10.79 -3.77
C GLU A 166 1.04 -10.17 -2.79
N ASP A 167 1.74 -9.11 -3.21
CA ASP A 167 2.86 -8.63 -2.40
C ASP A 167 2.40 -8.01 -1.09
N LEU A 168 1.22 -7.39 -1.06
CA LEU A 168 0.65 -6.78 0.14
C LEU A 168 -0.38 -7.69 0.85
N ASN A 169 -0.50 -8.94 0.42
CA ASN A 169 -1.33 -9.96 1.10
C ASN A 169 -2.79 -9.54 1.22
N PHE A 170 -3.33 -8.87 0.22
CA PHE A 170 -4.77 -8.68 0.15
C PHE A 170 -5.45 -10.03 -0.12
N ASP A 171 -6.35 -10.43 0.76
CA ASP A 171 -7.05 -11.71 0.62
C ASP A 171 -8.24 -11.54 -0.33
N ILE A 172 -7.91 -11.33 -1.61
CA ILE A 172 -8.87 -10.98 -2.65
C ILE A 172 -8.56 -11.79 -3.90
N GLU A 173 -9.57 -12.44 -4.47
CA GLU A 173 -9.42 -13.17 -5.73
C GLU A 173 -9.53 -12.20 -6.90
N ILE A 174 -8.51 -12.19 -7.75
CA ILE A 174 -8.44 -11.26 -8.87
C ILE A 174 -8.89 -12.00 -10.12
N VAL A 175 -10.02 -11.58 -10.68
CA VAL A 175 -10.69 -12.23 -11.79
C VAL A 175 -10.48 -11.38 -13.03
N PRO A 176 -9.66 -11.81 -13.99
CA PRO A 176 -9.54 -11.05 -15.24
C PRO A 176 -10.72 -11.35 -16.17
N VAL A 177 -11.13 -10.35 -16.95
CA VAL A 177 -12.29 -10.50 -17.81
C VAL A 177 -11.90 -10.07 -19.22
N ASP A 178 -12.24 -10.90 -20.20
CA ASP A 178 -11.83 -10.66 -21.58
C ASP A 178 -12.41 -9.36 -22.11
N THR A 179 -11.67 -8.75 -23.04
CA THR A 179 -12.06 -7.48 -23.64
C THR A 179 -13.33 -7.61 -24.48
N GLY A 180 -14.32 -6.78 -24.17
CA GLY A 180 -15.51 -6.68 -25.00
C GLY A 180 -15.23 -5.71 -26.13
N ARG A 181 -15.62 -6.10 -27.35
CA ARG A 181 -15.27 -5.40 -28.57
C ARG A 181 -16.51 -4.94 -29.32
N ALA A 182 -16.33 -3.97 -30.20
CA ALA A 182 -17.38 -3.61 -31.14
C ALA A 182 -17.53 -4.70 -32.20
N ALA A 183 -18.54 -4.55 -33.05
CA ALA A 183 -18.71 -5.47 -34.17
C ALA A 183 -17.46 -5.55 -35.03
N ASP A 184 -16.82 -4.42 -35.30
CA ASP A 184 -15.64 -4.37 -36.15
C ASP A 184 -14.34 -4.68 -35.41
N GLY A 185 -14.40 -5.20 -34.17
CA GLY A 185 -13.22 -5.60 -33.44
C GLY A 185 -12.67 -4.55 -32.48
N LEU A 186 -13.04 -3.29 -32.66
CA LEU A 186 -12.49 -2.23 -31.81
C LEU A 186 -12.84 -2.50 -30.34
N ALA A 187 -11.82 -2.48 -29.49
CA ALA A 187 -12.03 -2.63 -28.05
C ALA A 187 -12.90 -1.50 -27.51
N LEU A 188 -13.99 -1.87 -26.84
CA LEU A 188 -14.86 -0.89 -26.25
C LEU A 188 -14.11 -0.05 -25.21
N SER A 189 -14.35 1.26 -25.23
CA SER A 189 -13.65 2.17 -24.35
C SER A 189 -14.39 3.50 -24.30
N SER A 190 -14.46 4.11 -23.11
CA SER A 190 -15.13 5.39 -22.96
C SER A 190 -14.57 6.43 -23.92
N ARG A 191 -13.25 6.41 -24.13
CA ARG A 191 -12.60 7.40 -25.00
C ARG A 191 -12.95 7.23 -26.48
N ASN A 192 -13.63 6.14 -26.86
CA ASN A 192 -14.03 5.98 -28.26
C ASN A 192 -15.04 7.04 -28.70
N ARG A 193 -15.78 7.63 -27.76
CA ARG A 193 -16.74 8.67 -28.10
C ARG A 193 -16.06 9.92 -28.65
N TYR A 194 -14.77 10.12 -28.39
CA TYR A 194 -14.06 11.32 -28.82
C TYR A 194 -13.47 11.19 -30.22
N LEU A 195 -13.79 10.11 -30.94
CA LEU A 195 -13.22 9.85 -32.26
C LEU A 195 -14.04 10.52 -33.36
N SER A 196 -13.34 11.13 -34.31
CA SER A 196 -14.04 11.64 -35.50
C SER A 196 -14.69 10.47 -36.24
N VAL A 197 -15.58 10.81 -37.18
CA VAL A 197 -16.18 9.78 -38.01
C VAL A 197 -15.10 9.03 -38.76
N GLY A 198 -14.16 9.77 -39.36
CA GLY A 198 -13.06 9.12 -40.06
C GLY A 198 -12.14 8.36 -39.14
N GLU A 199 -11.84 8.93 -37.96
CA GLU A 199 -10.96 8.27 -37.01
C GLU A 199 -11.55 6.95 -36.51
N ARG A 200 -12.86 6.95 -36.24
CA ARG A 200 -13.52 5.73 -35.77
C ARG A 200 -13.46 4.61 -36.80
N ALA A 201 -13.64 4.96 -38.09
CA ALA A 201 -13.54 3.97 -39.15
C ALA A 201 -12.11 3.46 -39.36
N GLU A 202 -11.11 4.24 -38.98
CA GLU A 202 -9.73 3.78 -39.02
C GLU A 202 -9.33 2.99 -37.78
N ALA A 203 -9.97 3.27 -36.64
CA ALA A 203 -9.58 2.66 -35.37
C ALA A 203 -9.46 1.12 -35.39
N PRO A 204 -10.29 0.36 -36.10
CA PRO A 204 -10.13 -1.11 -36.05
C PRO A 204 -8.82 -1.62 -36.62
N ARG A 205 -7.97 -0.78 -37.22
CA ARG A 205 -6.71 -1.28 -37.76
C ARG A 205 -5.76 -1.73 -36.65
N LEU A 206 -5.89 -1.16 -35.45
CA LEU A 206 -4.98 -1.50 -34.36
C LEU A 206 -5.13 -2.96 -33.95
N TYR A 207 -6.36 -3.41 -33.71
CA TYR A 207 -6.58 -4.81 -33.35
C TYR A 207 -6.24 -5.73 -34.52
N ARG A 208 -6.58 -5.32 -35.75
CA ARG A 208 -6.25 -6.13 -36.92
C ARG A 208 -4.76 -6.41 -37.00
N GLU A 209 -3.92 -5.39 -36.79
CA GLU A 209 -2.48 -5.63 -36.84
C GLU A 209 -2.00 -6.47 -35.66
N LEU A 210 -2.54 -6.23 -34.47
CA LEU A 210 -2.22 -7.10 -33.34
C LEU A 210 -2.51 -8.56 -33.66
N GLN A 211 -3.66 -8.84 -34.30
CA GLN A 211 -4.00 -10.22 -34.67
C GLN A 211 -3.05 -10.77 -35.73
N ALA A 212 -2.61 -9.92 -36.66
CA ALA A 212 -1.69 -10.43 -37.67
C ALA A 212 -0.32 -10.72 -37.06
N VAL A 213 0.08 -9.95 -36.04
CA VAL A 213 1.27 -10.31 -35.26
C VAL A 213 1.06 -11.64 -34.56
N ALA A 214 -0.10 -11.82 -33.92
CA ALA A 214 -0.35 -13.09 -33.24
C ALA A 214 -0.30 -14.26 -34.22
N GLU A 215 -0.84 -14.05 -35.43
CA GLU A 215 -0.82 -15.10 -36.45
C GLU A 215 0.60 -15.44 -36.90
N SER A 216 1.47 -14.44 -37.05
CA SER A 216 2.88 -14.72 -37.37
C SER A 216 3.52 -15.56 -36.27
N LEU A 217 3.22 -15.24 -35.01
CA LEU A 217 3.77 -16.01 -33.90
C LEU A 217 3.24 -17.43 -33.89
N LYS A 218 1.92 -17.61 -34.05
CA LYS A 218 1.36 -18.95 -34.06
C LYS A 218 1.95 -19.78 -35.16
N GLN A 219 2.49 -19.14 -36.20
CA GLN A 219 3.10 -19.83 -37.33
C GLN A 219 4.62 -19.91 -37.19
N GLY A 220 5.15 -19.84 -35.96
CA GLY A 220 6.55 -20.07 -35.74
C GLY A 220 7.48 -18.89 -35.97
N GLY A 221 6.94 -17.69 -36.17
CA GLY A 221 7.80 -16.54 -36.35
C GLY A 221 8.65 -16.29 -35.11
N LEU A 222 9.95 -16.03 -35.30
CA LEU A 222 10.87 -15.78 -34.21
C LEU A 222 11.47 -14.38 -34.22
N ASP A 223 11.20 -13.58 -35.25
CA ASP A 223 11.72 -12.21 -35.32
C ASP A 223 10.71 -11.28 -34.67
N TYR A 224 10.68 -11.30 -33.33
CA TYR A 224 9.72 -10.49 -32.59
C TYR A 224 9.94 -9.01 -32.83
N ALA A 225 11.19 -8.56 -32.77
CA ALA A 225 11.50 -7.15 -33.02
C ALA A 225 10.98 -6.70 -34.38
N GLY A 226 11.15 -7.55 -35.41
CA GLY A 226 10.71 -7.18 -36.75
C GLY A 226 9.19 -7.11 -36.88
N LEU A 227 8.48 -7.98 -36.16
CA LEU A 227 7.01 -7.93 -36.18
C LEU A 227 6.51 -6.67 -35.47
N GLU A 228 7.10 -6.35 -34.32
CA GLU A 228 6.76 -5.10 -33.63
C GLU A 228 6.97 -3.89 -34.54
N ARG A 229 8.12 -3.81 -35.21
CA ARG A 229 8.41 -2.68 -36.10
C ARG A 229 7.42 -2.62 -37.27
N GLN A 230 7.13 -3.75 -37.89
CA GLN A 230 6.25 -3.71 -39.05
C GLN A 230 4.86 -3.22 -38.65
N ALA A 231 4.33 -3.71 -37.54
CA ALA A 231 3.02 -3.24 -37.09
C ALA A 231 3.05 -1.74 -36.82
N ALA A 232 4.10 -1.25 -36.14
CA ALA A 232 4.19 0.17 -35.81
C ALA A 232 4.37 1.01 -37.06
N ASP A 233 5.23 0.57 -37.98
CA ASP A 233 5.39 1.30 -39.22
C ASP A 233 4.10 1.32 -40.03
N HIS A 234 3.31 0.25 -39.97
CA HIS A 234 2.10 0.21 -40.78
C HIS A 234 1.04 1.13 -40.21
N LEU A 235 0.86 1.12 -38.89
CA LEU A 235 -0.03 2.07 -38.25
C LEU A 235 0.45 3.50 -38.45
N THR A 236 1.76 3.72 -38.39
CA THR A 236 2.30 5.06 -38.68
C THR A 236 1.98 5.47 -40.11
N ALA A 237 2.20 4.56 -41.05
CA ALA A 237 1.88 4.87 -42.44
C ALA A 237 0.38 5.10 -42.66
N ALA A 238 -0.47 4.58 -41.77
CA ALA A 238 -1.92 4.75 -41.92
C ALA A 238 -2.46 5.99 -41.22
N GLY A 239 -1.60 6.78 -40.58
CA GLY A 239 -2.00 8.02 -39.94
C GLY A 239 -1.89 8.03 -38.43
N TRP A 240 -1.53 6.91 -37.80
CA TRP A 240 -1.44 6.84 -36.35
C TRP A 240 -0.10 7.37 -35.87
N LEU A 241 -0.08 7.77 -34.60
CA LEU A 241 1.17 8.07 -33.91
C LEU A 241 1.35 6.96 -32.88
N VAL A 242 2.32 6.09 -33.12
CA VAL A 242 2.46 4.87 -32.34
C VAL A 242 3.33 5.16 -31.13
N ASP A 243 2.82 4.84 -29.93
CA ASP A 243 3.66 4.81 -28.75
C ASP A 243 4.54 3.56 -28.72
N TYR A 244 3.93 2.39 -28.95
CA TYR A 244 4.69 1.14 -28.89
C TYR A 244 3.85 0.01 -29.45
N VAL A 245 4.53 -1.00 -29.98
CA VAL A 245 4.02 -2.35 -30.16
C VAL A 245 5.07 -3.28 -29.59
N GLU A 246 4.66 -4.16 -28.67
CA GLU A 246 5.64 -5.02 -27.99
C GLU A 246 5.06 -6.40 -27.74
N ILE A 247 5.91 -7.41 -27.94
CA ILE A 247 5.60 -8.80 -27.61
C ILE A 247 6.24 -9.10 -26.27
N ARG A 248 5.42 -9.53 -25.32
CA ARG A 248 5.86 -9.79 -23.96
C ARG A 248 5.39 -11.18 -23.55
N ARG A 249 5.95 -11.66 -22.44
CA ARG A 249 5.43 -12.89 -21.84
C ARG A 249 4.08 -12.62 -21.20
N ALA A 250 3.14 -13.55 -21.38
CA ALA A 250 1.81 -13.34 -20.85
C ALA A 250 1.83 -13.31 -19.32
N ASP A 251 0.87 -12.60 -18.74
CA ASP A 251 0.67 -12.46 -17.29
C ASP A 251 1.71 -11.60 -16.59
N THR A 252 2.99 -11.99 -16.65
CA THR A 252 4.04 -11.23 -15.98
C THR A 252 4.56 -10.04 -16.78
N LEU A 253 4.30 -9.97 -18.09
CA LEU A 253 4.74 -8.89 -18.98
C LEU A 253 6.26 -8.75 -18.98
N GLU A 254 6.95 -9.77 -18.49
CA GLU A 254 8.38 -9.88 -18.67
C GLU A 254 8.71 -9.89 -20.16
N MET A 255 9.96 -9.54 -20.48
CA MET A 255 10.34 -9.45 -21.89
C MET A 255 10.29 -10.82 -22.55
N ALA A 256 9.77 -10.87 -23.77
CA ALA A 256 9.65 -12.16 -24.44
C ALA A 256 11.02 -12.65 -24.93
N ARG A 257 11.23 -13.96 -24.86
CA ARG A 257 12.43 -14.62 -25.36
C ARG A 257 12.08 -15.62 -26.47
N ALA A 258 13.13 -15.98 -27.23
CA ALA A 258 12.98 -16.68 -28.51
C ALA A 258 11.97 -17.83 -28.46
N GLY A 259 12.08 -18.71 -27.49
CA GLY A 259 11.26 -19.92 -27.55
C GLY A 259 9.94 -19.87 -26.82
N ASP A 260 9.46 -18.67 -26.47
CA ASP A 260 8.38 -18.55 -25.52
C ASP A 260 7.04 -19.00 -26.09
N LYS A 261 6.25 -19.64 -25.24
CA LYS A 261 4.99 -20.23 -25.66
C LYS A 261 3.78 -19.40 -25.25
N LYS A 262 3.82 -18.73 -24.10
CA LYS A 262 2.70 -17.95 -23.61
C LYS A 262 3.07 -16.48 -23.72
N LEU A 263 2.51 -15.82 -24.72
CA LEU A 263 2.93 -14.49 -25.12
C LEU A 263 1.73 -13.55 -25.16
N VAL A 264 2.00 -12.27 -25.07
CA VAL A 264 0.99 -11.26 -25.32
C VAL A 264 1.61 -10.17 -26.19
N VAL A 265 0.88 -9.75 -27.21
CA VAL A 265 1.23 -8.61 -28.05
C VAL A 265 0.43 -7.41 -27.58
N LEU A 266 1.11 -6.33 -27.21
CA LEU A 266 0.49 -5.11 -26.70
C LEU A 266 0.82 -3.92 -27.57
N ALA A 267 -0.14 -3.00 -27.70
CA ALA A 267 0.11 -1.80 -28.48
C ALA A 267 -0.66 -0.63 -27.88
N ALA A 268 -0.08 0.56 -28.05
CA ALA A 268 -0.72 1.83 -27.74
C ALA A 268 -0.42 2.77 -28.90
N ALA A 269 -1.45 3.42 -29.43
CA ALA A 269 -1.28 4.27 -30.59
C ALA A 269 -2.40 5.28 -30.61
N ARG A 270 -2.14 6.43 -31.22
CA ARG A 270 -3.05 7.56 -31.21
C ARG A 270 -3.57 7.85 -32.61
N LEU A 271 -4.88 8.00 -32.71
CA LEU A 271 -5.51 8.64 -33.85
C LEU A 271 -5.84 10.06 -33.42
N GLY A 272 -5.10 11.02 -33.95
CA GLY A 272 -5.29 12.40 -33.57
C GLY A 272 -5.18 12.57 -32.06
N THR A 273 -6.26 13.07 -31.46
CA THR A 273 -6.26 13.46 -30.05
C THR A 273 -6.50 12.28 -29.10
N THR A 274 -6.81 11.09 -29.62
CA THR A 274 -7.31 9.99 -28.81
C THR A 274 -6.30 8.83 -28.81
N ARG A 275 -5.87 8.42 -27.62
CA ARG A 275 -4.92 7.33 -27.45
C ARG A 275 -5.66 6.02 -27.20
N LEU A 276 -5.41 5.02 -28.05
CA LEU A 276 -6.06 3.73 -27.95
C LEU A 276 -5.04 2.65 -27.61
N ILE A 277 -5.49 1.64 -26.84
CA ILE A 277 -4.67 0.49 -26.50
C ILE A 277 -5.48 -0.78 -26.74
N ASP A 278 -4.76 -1.86 -26.94
CA ASP A 278 -5.36 -3.16 -27.13
C ASP A 278 -4.24 -4.18 -27.01
N ASN A 279 -4.61 -5.46 -27.04
CA ASN A 279 -3.63 -6.53 -26.96
C ASN A 279 -4.28 -7.82 -27.42
N VAL A 280 -3.44 -8.79 -27.77
CA VAL A 280 -3.87 -10.14 -28.16
C VAL A 280 -2.96 -11.13 -27.46
N GLU A 281 -3.54 -12.11 -26.77
CA GLU A 281 -2.76 -13.19 -26.19
C GLU A 281 -2.56 -14.34 -27.17
N VAL A 282 -1.41 -15.00 -27.07
CA VAL A 282 -1.03 -16.09 -27.95
C VAL A 282 -0.54 -17.24 -27.08
N GLY A 283 -1.09 -18.43 -27.32
CA GLY A 283 -0.63 -19.65 -26.71
C GLY A 283 0.01 -20.55 -27.75
N LEU A 284 1.32 -20.71 -27.68
CA LEU A 284 1.94 -21.54 -28.71
C LEU A 284 2.02 -22.99 -28.24
N PRO A 285 1.85 -23.95 -29.17
CA PRO A 285 1.98 -25.35 -28.81
C PRO A 285 3.44 -25.70 -28.57
N HIS B 7 -5.77 -22.42 25.27
CA HIS B 7 -5.33 -21.10 25.67
C HIS B 7 -4.55 -20.49 24.52
N MET B 8 -3.32 -20.05 24.78
CA MET B 8 -2.51 -19.41 23.75
C MET B 8 -2.22 -20.37 22.60
N GLN B 9 -2.12 -19.80 21.40
CA GLN B 9 -1.87 -20.55 20.17
C GLN B 9 -0.74 -19.90 19.38
N ILE B 10 0.04 -20.73 18.71
CA ILE B 10 1.17 -20.28 17.90
C ILE B 10 0.86 -20.65 16.45
N ILE B 11 0.42 -19.65 15.66
CA ILE B 11 0.12 -19.84 14.24
C ILE B 11 1.34 -19.41 13.43
N HIS B 12 1.71 -20.21 12.43
CA HIS B 12 2.88 -19.95 11.61
C HIS B 12 2.56 -19.64 10.16
N THR B 13 1.36 -19.93 9.69
CA THR B 13 1.00 -19.70 8.30
C THR B 13 -0.04 -18.59 8.21
N ILE B 14 -0.02 -17.88 7.08
CA ILE B 14 -1.07 -16.92 6.77
C ILE B 14 -2.43 -17.62 6.75
N ARG B 15 -2.50 -18.81 6.13
CA ARG B 15 -3.77 -19.50 6.00
C ARG B 15 -4.35 -19.86 7.36
N GLU B 16 -3.52 -20.37 8.26
CA GLU B 16 -4.02 -20.71 9.60
C GLU B 16 -4.39 -19.47 10.40
N LEU B 17 -3.61 -18.39 10.25
CA LEU B 17 -3.98 -17.16 10.94
C LEU B 17 -5.37 -16.70 10.52
N ARG B 18 -5.62 -16.66 9.21
CA ARG B 18 -6.91 -16.20 8.70
C ARG B 18 -8.04 -17.13 9.11
N THR B 19 -7.78 -18.44 9.11
CA THR B 19 -8.80 -19.39 9.56
C THR B 19 -9.19 -19.12 11.00
N TRP B 20 -8.21 -18.88 11.87
CA TRP B 20 -8.51 -18.54 13.26
C TRP B 20 -9.28 -17.23 13.33
N ARG B 21 -8.87 -16.24 12.53
CA ARG B 21 -9.35 -14.88 12.74
C ARG B 21 -10.80 -14.72 12.29
N GLU B 22 -11.21 -15.41 11.23
CA GLU B 22 -12.62 -15.43 10.88
C GLU B 22 -13.38 -16.09 12.02
N ASN B 23 -14.58 -15.58 12.30
CA ASN B 23 -15.42 -16.06 13.41
C ASN B 23 -14.80 -15.73 14.77
N THR B 24 -13.93 -14.73 14.83
CA THR B 24 -13.51 -14.08 16.05
C THR B 24 -13.99 -12.63 15.98
N GLY B 25 -14.27 -12.05 17.14
CA GLY B 25 -14.75 -10.68 17.15
C GLY B 25 -13.68 -9.61 16.99
N LYS B 26 -13.60 -8.73 17.99
CA LYS B 26 -12.63 -7.66 17.99
C LYS B 26 -11.22 -8.21 18.21
N VAL B 27 -10.26 -7.74 17.42
CA VAL B 27 -8.88 -8.18 17.53
C VAL B 27 -7.99 -6.96 17.71
N ALA B 28 -7.18 -6.97 18.77
CA ALA B 28 -6.10 -6.01 18.99
C ALA B 28 -4.79 -6.67 18.60
N PHE B 29 -3.93 -5.92 17.93
CA PHE B 29 -2.76 -6.50 17.29
C PHE B 29 -1.50 -5.75 17.70
N VAL B 30 -0.46 -6.48 18.07
CA VAL B 30 0.82 -5.88 18.45
C VAL B 30 1.97 -6.47 17.63
N PRO B 31 2.49 -5.76 16.64
CA PRO B 31 3.66 -6.27 15.89
C PRO B 31 4.96 -5.99 16.64
N THR B 32 5.78 -7.04 16.73
CA THR B 32 7.06 -6.99 17.41
C THR B 32 8.08 -7.76 16.58
N MET B 33 9.33 -7.67 17.02
CA MET B 33 10.41 -8.46 16.44
C MET B 33 10.99 -9.43 17.46
N GLY B 34 10.20 -9.82 18.45
CA GLY B 34 10.71 -10.77 19.42
C GLY B 34 11.69 -10.11 20.38
N ASN B 35 12.50 -10.96 21.01
CA ASN B 35 13.42 -10.58 22.08
C ASN B 35 12.71 -9.63 23.06
N LEU B 36 11.55 -10.09 23.52
CA LEU B 36 10.58 -9.25 24.21
C LEU B 36 11.09 -8.82 25.59
N HIS B 37 10.70 -7.59 25.98
CA HIS B 37 11.02 -7.05 27.30
C HIS B 37 9.81 -6.30 27.83
N GLU B 38 10.00 -5.65 28.98
CA GLU B 38 8.91 -5.01 29.70
C GLU B 38 8.29 -3.89 28.88
N GLY B 39 9.11 -3.17 28.11
CA GLY B 39 8.59 -2.13 27.25
C GLY B 39 7.55 -2.64 26.25
N HIS B 40 7.72 -3.88 25.79
CA HIS B 40 6.75 -4.46 24.87
C HIS B 40 5.46 -4.83 25.58
N LEU B 41 5.57 -5.34 26.81
CA LEU B 41 4.40 -5.76 27.55
C LEU B 41 3.45 -4.60 27.82
N ALA B 42 3.99 -3.40 27.96
CA ALA B 42 3.12 -2.22 28.03
C ALA B 42 2.20 -2.16 26.83
N LEU B 43 2.69 -2.55 25.65
CA LEU B 43 1.83 -2.63 24.47
C LEU B 43 0.80 -3.76 24.60
N VAL B 44 1.24 -4.93 25.05
CA VAL B 44 0.33 -6.07 25.16
C VAL B 44 -0.76 -5.78 26.17
N ARG B 45 -0.39 -5.23 27.34
CA ARG B 45 -1.37 -4.95 28.37
C ARG B 45 -2.41 -3.95 27.87
N GLU B 46 -1.97 -2.91 27.16
CA GLU B 46 -2.90 -1.94 26.60
C GLU B 46 -3.78 -2.58 25.54
N ALA B 47 -3.23 -3.51 24.76
CA ALA B 47 -4.04 -4.22 23.76
C ALA B 47 -5.17 -5.00 24.40
N ARG B 48 -4.88 -5.74 25.49
CA ARG B 48 -5.89 -6.55 26.16
C ARG B 48 -6.98 -5.71 26.82
N LYS B 49 -6.72 -4.43 27.09
CA LYS B 49 -7.76 -3.54 27.61
C LYS B 49 -8.69 -3.04 26.52
N ARG B 50 -8.39 -3.31 25.24
CA ARG B 50 -9.21 -2.87 24.12
C ARG B 50 -9.80 -4.01 23.31
N ALA B 51 -9.43 -5.26 23.56
CA ALA B 51 -10.05 -6.39 22.90
C ALA B 51 -9.78 -7.65 23.71
N ASP B 52 -10.70 -8.60 23.63
CA ASP B 52 -10.53 -9.88 24.32
C ASP B 52 -9.50 -10.75 23.63
N ASN B 53 -9.41 -10.67 22.31
CA ASN B 53 -8.48 -11.48 21.54
C ASN B 53 -7.32 -10.59 21.08
N VAL B 54 -6.12 -10.90 21.56
CA VAL B 54 -4.91 -10.16 21.23
C VAL B 54 -4.01 -11.05 20.39
N VAL B 55 -3.60 -10.55 19.22
CA VAL B 55 -2.61 -11.17 18.36
C VAL B 55 -1.30 -10.41 18.48
N VAL B 56 -0.23 -11.11 18.79
CA VAL B 56 1.12 -10.54 18.81
C VAL B 56 1.92 -11.23 17.72
N SER B 57 2.38 -10.47 16.73
CA SER B 57 3.26 -11.03 15.72
C SER B 57 4.72 -10.89 16.16
N ILE B 58 5.50 -11.92 15.86
CA ILE B 58 6.95 -11.90 16.05
C ILE B 58 7.55 -12.20 14.68
N PHE B 59 8.16 -11.18 14.06
CA PHE B 59 8.77 -11.35 12.77
C PHE B 59 9.98 -10.44 12.64
N VAL B 60 11.06 -10.99 12.09
CA VAL B 60 12.27 -10.22 11.80
C VAL B 60 12.32 -10.00 10.29
N ASN B 61 12.39 -8.74 9.89
CA ASN B 61 12.08 -8.29 8.53
C ASN B 61 13.37 -7.92 7.81
N ARG B 62 13.75 -8.73 6.81
CA ARG B 62 14.97 -8.46 6.05
C ARG B 62 14.90 -7.16 5.27
N LEU B 63 13.74 -6.52 5.22
CA LEU B 63 13.52 -5.29 4.46
C LEU B 63 13.70 -4.02 5.30
N GLN B 64 13.89 -4.14 6.62
CA GLN B 64 14.12 -2.97 7.46
C GLN B 64 15.38 -3.11 8.32
N PRO B 75 18.45 -12.59 16.62
CA PRO B 75 18.33 -12.82 18.07
C PRO B 75 17.02 -13.52 18.44
N ARG B 76 16.85 -14.77 18.00
CA ARG B 76 15.59 -15.50 18.15
C ARG B 76 15.49 -16.13 19.53
N THR B 77 14.43 -15.77 20.26
CA THR B 77 14.13 -16.27 21.60
C THR B 77 12.67 -16.69 21.66
N LEU B 78 12.27 -17.57 20.73
CA LEU B 78 10.86 -17.83 20.47
C LEU B 78 10.16 -18.39 21.70
N GLN B 79 10.72 -19.43 22.34
CA GLN B 79 10.03 -20.06 23.46
C GLN B 79 9.90 -19.09 24.63
N GLN B 80 11.00 -18.38 24.96
CA GLN B 80 10.92 -17.46 26.09
C GLN B 80 9.98 -16.30 25.80
N ASP B 81 9.85 -15.91 24.52
CA ASP B 81 8.90 -14.86 24.15
C ASP B 81 7.46 -15.28 24.44
N ALA B 82 7.08 -16.48 23.97
CA ALA B 82 5.69 -16.91 24.03
C ALA B 82 5.23 -17.19 25.46
N ASP B 83 6.14 -17.60 26.33
CA ASP B 83 5.78 -17.80 27.73
C ASP B 83 5.40 -16.47 28.39
N LYS B 84 6.15 -15.40 28.08
CA LYS B 84 5.83 -14.09 28.62
C LYS B 84 4.46 -13.61 28.14
N LEU B 85 4.16 -13.82 26.86
CA LEU B 85 2.87 -13.39 26.32
C LEU B 85 1.73 -14.24 26.87
N ALA B 86 1.97 -15.54 27.07
CA ALA B 86 0.96 -16.41 27.65
C ALA B 86 0.44 -15.83 28.96
N ALA B 87 1.35 -15.45 29.86
CA ALA B 87 0.97 -14.91 31.15
C ALA B 87 0.24 -13.57 31.04
N GLU B 88 0.27 -12.92 29.88
CA GLU B 88 -0.47 -11.68 29.68
C GLU B 88 -1.79 -11.91 28.96
N GLY B 89 -2.20 -13.16 28.78
CA GLY B 89 -3.49 -13.44 28.17
C GLY B 89 -3.57 -13.18 26.69
N VAL B 90 -2.47 -13.32 25.96
CA VAL B 90 -2.49 -13.19 24.51
C VAL B 90 -3.12 -14.43 23.90
N ALA B 91 -3.96 -14.23 22.88
CA ALA B 91 -4.64 -15.36 22.24
C ALA B 91 -3.76 -16.06 21.20
N VAL B 92 -3.07 -15.30 20.35
CA VAL B 92 -2.34 -15.86 19.21
C VAL B 92 -0.98 -15.17 19.12
N VAL B 93 0.07 -15.98 18.97
CA VAL B 93 1.40 -15.51 18.57
C VAL B 93 1.60 -15.91 17.12
N PHE B 94 1.56 -14.93 16.22
CA PHE B 94 1.76 -15.18 14.79
C PHE B 94 3.25 -15.00 14.49
N ALA B 95 3.93 -16.11 14.20
CA ALA B 95 5.38 -16.11 13.92
C ALA B 95 5.63 -16.83 12.60
N PRO B 96 5.45 -16.14 11.48
CA PRO B 96 5.74 -16.75 10.19
C PRO B 96 7.23 -16.68 9.87
N ASP B 97 7.68 -17.60 9.01
CA ASP B 97 9.05 -17.51 8.56
C ASP B 97 9.16 -16.49 7.42
N GLU B 98 10.38 -16.23 6.99
CA GLU B 98 10.61 -15.18 6.00
C GLU B 98 9.92 -15.50 4.68
N LYS B 99 10.04 -16.74 4.22
CA LYS B 99 9.45 -17.12 2.94
C LYS B 99 7.93 -17.09 2.96
N GLU B 100 7.32 -17.21 4.15
CA GLU B 100 5.85 -17.13 4.22
C GLU B 100 5.37 -15.74 3.84
N LEU B 101 6.05 -14.70 4.33
CA LEU B 101 5.72 -13.31 4.03
C LEU B 101 6.37 -12.81 2.75
N TYR B 102 7.53 -13.35 2.36
CA TYR B 102 8.21 -12.98 1.12
C TYR B 102 8.48 -14.24 0.31
N PRO B 103 7.43 -14.80 -0.32
CA PRO B 103 7.59 -16.06 -1.06
C PRO B 103 8.50 -15.94 -2.27
N ASN B 104 8.56 -14.77 -2.87
CA ASN B 104 9.54 -14.48 -3.90
C ASN B 104 10.78 -13.91 -3.22
N VAL B 105 11.82 -13.66 -3.99
CA VAL B 105 12.99 -13.07 -3.34
C VAL B 105 12.57 -11.66 -2.92
N GLU B 106 12.36 -10.84 -3.94
CA GLU B 106 12.08 -9.42 -3.83
C GLU B 106 10.67 -9.15 -3.35
N GLN B 107 10.50 -7.98 -2.75
CA GLN B 107 9.21 -7.35 -2.51
C GLN B 107 9.04 -6.30 -3.60
N ARG B 108 8.19 -6.61 -4.59
CA ARG B 108 8.08 -5.76 -5.78
C ARG B 108 7.25 -4.52 -5.53
N TYR B 109 6.19 -4.64 -4.73
CA TYR B 109 5.25 -3.56 -4.42
C TYR B 109 5.48 -3.13 -2.98
N ASN B 110 5.87 -1.87 -2.80
CA ASN B 110 6.25 -1.37 -1.48
C ASN B 110 5.36 -0.19 -1.13
N VAL B 111 5.09 0.00 0.15
CA VAL B 111 4.40 1.21 0.57
C VAL B 111 5.45 2.30 0.75
N GLU B 112 5.34 3.37 -0.04
CA GLU B 112 6.38 4.38 -0.11
C GLU B 112 6.04 5.55 0.79
N PRO B 113 6.74 5.76 1.91
CA PRO B 113 6.47 6.93 2.76
C PRO B 113 6.84 8.21 2.04
N PRO B 114 6.39 9.37 2.54
CA PRO B 114 6.89 10.65 2.00
C PRO B 114 8.30 10.94 2.51
N HIS B 115 8.75 12.19 2.33
CA HIS B 115 10.13 12.55 2.63
C HIS B 115 10.50 12.31 4.10
N LEU B 116 9.52 12.27 4.99
CA LEU B 116 9.76 11.88 6.38
C LEU B 116 10.69 10.67 6.50
N GLN B 117 10.66 9.76 5.52
CA GLN B 117 11.44 8.52 5.62
C GLN B 117 12.94 8.79 5.58
N ASN B 118 13.34 9.96 5.07
CA ASN B 118 14.75 10.33 4.98
C ASN B 118 15.13 11.37 6.04
N GLU B 119 14.26 11.64 7.01
CA GLU B 119 14.57 12.59 8.07
C GLU B 119 14.80 11.85 9.38
N LEU B 120 15.38 12.57 10.35
CA LEU B 120 15.55 12.04 11.70
C LEU B 120 16.26 10.69 11.61
N CYS B 121 15.70 9.62 12.17
CA CYS B 121 16.35 8.30 12.10
C CYS B 121 16.49 7.78 10.68
N GLY B 122 15.62 8.22 9.77
CA GLY B 122 15.70 7.73 8.42
C GLY B 122 16.94 8.16 7.67
N LYS B 123 17.53 9.30 8.09
CA LYS B 123 18.69 9.81 7.39
C LYS B 123 19.85 8.81 7.45
N PHE B 124 20.01 8.12 8.59
CA PHE B 124 21.05 7.10 8.71
C PHE B 124 20.50 5.68 8.61
N ARG B 125 19.24 5.51 8.21
CA ARG B 125 18.67 4.17 7.96
C ARG B 125 17.88 4.21 6.66
N PRO B 126 18.55 4.38 5.53
CA PRO B 126 17.81 4.47 4.27
C PRO B 126 17.07 3.17 3.97
N GLY B 127 15.88 3.29 3.42
CA GLY B 127 15.02 2.16 3.17
C GLY B 127 14.32 1.60 4.40
N HIS B 128 14.67 2.08 5.60
CA HIS B 128 14.12 1.50 6.82
C HIS B 128 12.62 1.74 6.95
N PHE B 129 12.15 2.97 6.78
CA PHE B 129 10.74 3.19 7.04
C PHE B 129 9.85 2.71 5.89
N ARG B 130 10.40 2.65 4.68
CA ARG B 130 9.72 1.95 3.60
C ARG B 130 9.46 0.49 3.99
N GLY B 131 10.48 -0.19 4.54
CA GLY B 131 10.32 -1.56 5.00
C GLY B 131 9.34 -1.72 6.15
N VAL B 132 9.32 -0.74 7.06
CA VAL B 132 8.33 -0.77 8.13
C VAL B 132 6.93 -0.58 7.58
N ALA B 133 6.75 0.39 6.68
CA ALA B 133 5.40 0.64 6.16
C ALA B 133 4.90 -0.54 5.36
N THR B 134 5.79 -1.18 4.60
CA THR B 134 5.41 -2.33 3.78
C THR B 134 5.06 -3.54 4.65
N VAL B 135 5.92 -3.89 5.61
CA VAL B 135 5.63 -5.10 6.37
C VAL B 135 4.42 -4.88 7.27
N VAL B 136 4.20 -3.65 7.75
CA VAL B 136 3.04 -3.40 8.60
C VAL B 136 1.76 -3.47 7.78
N SER B 137 1.78 -2.93 6.56
CA SER B 137 0.64 -3.10 5.66
C SER B 137 0.35 -4.58 5.39
N LYS B 138 1.39 -5.38 5.13
CA LYS B 138 1.17 -6.81 4.90
C LYS B 138 0.54 -7.47 6.11
N LEU B 139 1.10 -7.21 7.29
CA LEU B 139 0.59 -7.74 8.54
C LEU B 139 -0.85 -7.27 8.78
N PHE B 140 -1.14 -6.00 8.50
CA PHE B 140 -2.50 -5.48 8.61
C PHE B 140 -3.47 -6.27 7.71
N ASN B 141 -3.07 -6.55 6.46
CA ASN B 141 -3.94 -7.28 5.56
C ASN B 141 -4.02 -8.76 5.91
N ILE B 142 -3.05 -9.28 6.67
CA ILE B 142 -3.09 -10.66 7.13
C ILE B 142 -3.97 -10.81 8.37
N VAL B 143 -3.77 -9.93 9.36
CA VAL B 143 -4.45 -10.08 10.64
C VAL B 143 -5.83 -9.46 10.64
N LEU B 144 -6.06 -8.46 9.79
CA LEU B 144 -7.29 -7.69 9.77
C LEU B 144 -7.70 -7.25 11.17
N PRO B 145 -6.86 -6.50 11.88
CA PRO B 145 -7.17 -6.14 13.27
C PRO B 145 -8.14 -4.96 13.31
N ASP B 146 -8.75 -4.78 14.48
CA ASP B 146 -9.53 -3.60 14.76
C ASP B 146 -8.73 -2.53 15.49
N VAL B 147 -7.73 -2.92 16.28
CA VAL B 147 -6.86 -2.01 17.01
C VAL B 147 -5.42 -2.51 16.88
N ALA B 148 -4.47 -1.57 16.79
CA ALA B 148 -3.06 -1.92 16.71
C ALA B 148 -2.25 -0.99 17.60
N CYS B 149 -1.38 -1.55 18.44
CA CYS B 149 -0.65 -0.79 19.46
C CYS B 149 0.82 -0.65 19.09
N PHE B 150 1.34 0.56 19.23
CA PHE B 150 2.71 0.90 18.87
C PHE B 150 3.26 1.81 19.96
N GLY B 151 4.54 1.63 20.28
CA GLY B 151 5.14 2.44 21.34
C GLY B 151 5.57 3.81 20.85
N LYS B 152 5.44 4.80 21.74
CA LYS B 152 5.86 6.16 21.43
C LYS B 152 7.37 6.35 21.45
N LYS B 153 8.12 5.43 22.04
CA LYS B 153 9.58 5.52 21.95
C LYS B 153 10.02 5.63 20.50
N ASP B 154 9.37 4.89 19.60
CA ASP B 154 9.68 4.95 18.18
C ASP B 154 8.68 5.87 17.48
N TYR B 155 8.86 7.16 17.79
CA TYR B 155 7.88 8.18 17.40
C TYR B 155 7.77 8.30 15.89
N GLN B 156 8.90 8.32 15.19
CA GLN B 156 8.85 8.43 13.73
C GLN B 156 8.19 7.21 13.10
N GLN B 157 8.50 6.00 13.60
CA GLN B 157 7.75 4.82 13.18
C GLN B 157 6.24 5.02 13.40
N LEU B 158 5.87 5.62 14.52
CA LEU B 158 4.46 5.78 14.83
C LEU B 158 3.78 6.74 13.86
N ALA B 159 4.45 7.85 13.54
CA ALA B 159 3.92 8.75 12.53
C ALA B 159 3.76 8.07 11.18
N VAL B 160 4.73 7.23 10.78
CA VAL B 160 4.64 6.54 9.49
C VAL B 160 3.44 5.59 9.47
N ILE B 161 3.22 4.86 10.58
CA ILE B 161 2.10 3.92 10.63
C ILE B 161 0.77 4.65 10.67
N LYS B 162 0.67 5.71 11.50
CA LYS B 162 -0.55 6.52 11.48
C LYS B 162 -0.80 7.08 10.07
N GLY B 163 0.26 7.53 9.40
CA GLY B 163 0.10 8.11 8.08
C GLY B 163 -0.38 7.10 7.05
N LEU B 164 0.23 5.91 7.02
CA LEU B 164 -0.20 4.92 6.03
C LEU B 164 -1.62 4.46 6.33
N THR B 165 -1.96 4.29 7.60
CA THR B 165 -3.31 3.90 7.98
C THR B 165 -4.34 4.89 7.41
N GLU B 166 -4.12 6.19 7.62
CA GLU B 166 -5.02 7.20 7.06
C GLU B 166 -5.03 7.17 5.53
N ASP B 167 -3.85 7.22 4.91
CA ASP B 167 -3.76 7.43 3.47
C ASP B 167 -4.21 6.21 2.68
N LEU B 168 -4.16 5.03 3.28
CA LEU B 168 -4.58 3.80 2.61
C LEU B 168 -5.92 3.28 3.11
N ASN B 169 -6.59 3.99 4.04
CA ASN B 169 -7.95 3.66 4.48
C ASN B 169 -8.01 2.30 5.19
N PHE B 170 -6.95 1.96 5.93
CA PHE B 170 -7.02 0.82 6.84
C PHE B 170 -7.98 1.15 7.96
N ASP B 171 -9.02 0.33 8.12
CA ASP B 171 -10.00 0.55 9.18
C ASP B 171 -9.46 0.00 10.50
N ILE B 172 -8.44 0.68 11.03
CA ILE B 172 -7.71 0.19 12.18
C ILE B 172 -7.43 1.35 13.11
N GLU B 173 -7.76 1.18 14.39
CA GLU B 173 -7.45 2.19 15.39
C GLU B 173 -6.00 2.02 15.83
N ILE B 174 -5.18 3.05 15.59
CA ILE B 174 -3.78 3.06 16.00
C ILE B 174 -3.70 3.65 17.40
N VAL B 175 -3.20 2.87 18.35
CA VAL B 175 -3.14 3.27 19.75
C VAL B 175 -1.68 3.49 20.12
N PRO B 176 -1.25 4.73 20.36
CA PRO B 176 0.10 4.95 20.90
C PRO B 176 0.16 4.54 22.36
N VAL B 177 1.27 3.93 22.74
CA VAL B 177 1.51 3.53 24.12
C VAL B 177 2.73 4.27 24.63
N ASP B 178 2.66 4.74 25.88
CA ASP B 178 3.72 5.55 26.44
C ASP B 178 4.99 4.73 26.63
N THR B 179 6.12 5.39 26.43
CA THR B 179 7.43 4.80 26.65
C THR B 179 7.58 4.32 28.10
N GLY B 180 7.74 3.01 28.28
CA GLY B 180 8.17 2.49 29.57
C GLY B 180 9.65 2.79 29.81
N ARG B 181 9.97 3.15 31.06
CA ARG B 181 11.29 3.66 31.40
C ARG B 181 11.85 2.92 32.60
N ALA B 182 13.16 3.00 32.78
CA ALA B 182 13.77 2.55 34.02
C ALA B 182 13.57 3.58 35.13
N ALA B 183 13.99 3.23 36.35
CA ALA B 183 13.85 4.13 37.49
C ALA B 183 14.54 5.46 37.25
N ASP B 184 15.69 5.45 36.59
CA ASP B 184 16.46 6.67 36.33
C ASP B 184 15.98 7.43 35.10
N GLY B 185 14.92 6.97 34.43
CA GLY B 185 14.36 7.66 33.29
C GLY B 185 14.69 7.05 31.94
N LEU B 186 15.68 6.16 31.87
CA LEU B 186 16.11 5.64 30.59
C LEU B 186 14.99 4.83 29.93
N ALA B 187 14.71 5.16 28.67
CA ALA B 187 13.72 4.42 27.90
C ALA B 187 14.13 2.96 27.75
N LEU B 188 13.23 2.05 28.11
CA LEU B 188 13.51 0.63 27.99
C LEU B 188 13.66 0.24 26.52
N SER B 189 14.72 -0.48 26.20
CA SER B 189 15.00 -0.90 24.84
C SER B 189 16.03 -2.03 24.88
N SER B 190 15.89 -2.99 23.98
CA SER B 190 16.90 -4.04 23.92
C SER B 190 18.29 -3.48 23.62
N ARG B 191 18.35 -2.30 23.00
CA ARG B 191 19.62 -1.59 22.81
C ARG B 191 20.35 -1.34 24.11
N ASN B 192 19.62 -1.17 25.22
CA ASN B 192 20.26 -0.81 26.47
C ASN B 192 21.25 -1.87 26.96
N ARG B 193 21.08 -3.13 26.54
CA ARG B 193 21.94 -4.22 26.95
C ARG B 193 23.35 -4.11 26.38
N TYR B 194 23.57 -3.27 25.36
CA TYR B 194 24.90 -3.11 24.78
C TYR B 194 25.77 -2.19 25.63
N LEU B 195 25.15 -1.28 26.39
CA LEU B 195 25.89 -0.29 27.17
C LEU B 195 26.80 -0.95 28.19
N SER B 196 28.01 -0.41 28.33
CA SER B 196 28.86 -0.83 29.44
C SER B 196 28.29 -0.27 30.74
N VAL B 197 28.87 -0.72 31.86
CA VAL B 197 28.46 -0.20 33.16
C VAL B 197 28.60 1.32 33.19
N GLY B 198 29.76 1.83 32.77
CA GLY B 198 29.95 3.28 32.72
C GLY B 198 28.93 4.00 31.85
N GLU B 199 28.66 3.46 30.64
CA GLU B 199 27.76 4.13 29.71
C GLU B 199 26.31 4.09 30.19
N ARG B 200 25.90 2.98 30.83
CA ARG B 200 24.55 2.88 31.37
C ARG B 200 24.29 3.94 32.44
N ALA B 201 25.29 4.23 33.28
CA ALA B 201 25.12 5.29 34.28
C ALA B 201 24.97 6.65 33.62
N GLU B 202 25.54 6.84 32.44
CA GLU B 202 25.48 8.11 31.73
C GLU B 202 24.25 8.21 30.82
N ALA B 203 23.71 7.07 30.38
CA ALA B 203 22.58 7.01 29.45
C ALA B 203 21.34 7.81 29.87
N PRO B 204 21.02 7.98 31.17
CA PRO B 204 19.83 8.79 31.51
C PRO B 204 19.89 10.25 31.09
N ARG B 205 21.06 10.78 30.70
CA ARG B 205 21.14 12.20 30.36
C ARG B 205 20.37 12.54 29.08
N LEU B 206 20.15 11.56 28.20
CA LEU B 206 19.36 11.84 27.02
C LEU B 206 17.97 12.30 27.42
N TYR B 207 17.26 11.52 28.24
CA TYR B 207 15.92 11.93 28.65
C TYR B 207 15.95 13.20 29.50
N ARG B 208 16.99 13.38 30.31
CA ARG B 208 17.12 14.60 31.10
C ARG B 208 17.18 15.83 30.20
N GLU B 209 17.96 15.76 29.11
CA GLU B 209 18.08 16.89 28.21
C GLU B 209 16.79 17.12 27.43
N LEU B 210 16.06 16.06 27.09
CA LEU B 210 14.79 16.27 26.42
C LEU B 210 13.78 16.94 27.36
N GLN B 211 13.76 16.52 28.63
CA GLN B 211 12.81 17.11 29.58
C GLN B 211 13.08 18.60 29.77
N ALA B 212 14.36 19.00 29.83
CA ALA B 212 14.67 20.41 30.03
C ALA B 212 14.29 21.23 28.80
N VAL B 213 14.34 20.63 27.61
CA VAL B 213 13.82 21.33 26.44
C VAL B 213 12.31 21.53 26.57
N ALA B 214 11.59 20.46 26.92
CA ALA B 214 10.14 20.57 27.11
C ALA B 214 9.80 21.60 28.19
N GLU B 215 10.63 21.74 29.21
CA GLU B 215 10.36 22.75 30.22
C GLU B 215 10.58 24.16 29.67
N SER B 216 11.65 24.37 28.91
CA SER B 216 11.84 25.66 28.27
C SER B 216 10.66 25.99 27.37
N LEU B 217 10.17 25.01 26.61
CA LEU B 217 8.99 25.26 25.79
C LEU B 217 7.78 25.56 26.67
N LYS B 218 7.64 24.83 27.78
CA LYS B 218 6.56 25.10 28.73
C LYS B 218 6.67 26.51 29.30
N GLN B 219 7.90 26.94 29.64
CA GLN B 219 8.13 28.29 30.18
C GLN B 219 8.28 29.35 29.10
N GLY B 220 7.56 29.20 27.99
CA GLY B 220 7.49 30.26 27.00
C GLY B 220 8.67 30.40 26.08
N GLY B 221 9.50 29.37 25.96
CA GLY B 221 10.67 29.46 25.08
C GLY B 221 10.27 29.46 23.61
N LEU B 222 10.88 30.38 22.84
CA LEU B 222 10.55 30.59 21.44
C LEU B 222 11.63 30.13 20.48
N ASP B 223 12.90 30.15 20.91
CA ASP B 223 14.03 29.81 20.03
C ASP B 223 14.16 28.29 19.94
N TYR B 224 13.52 27.68 18.94
CA TYR B 224 13.62 26.23 18.75
C TYR B 224 15.07 25.81 18.50
N ALA B 225 15.73 26.48 17.55
CA ALA B 225 17.10 26.09 17.19
C ALA B 225 18.06 26.25 18.37
N GLY B 226 17.92 27.33 19.14
CA GLY B 226 18.77 27.50 20.31
C GLY B 226 18.65 26.35 21.28
N LEU B 227 17.42 25.93 21.56
CA LEU B 227 17.19 24.86 22.52
C LEU B 227 17.75 23.53 22.02
N GLU B 228 17.62 23.26 20.72
CA GLU B 228 18.13 22.01 20.17
C GLU B 228 19.65 21.94 20.28
N ARG B 229 20.32 23.07 19.99
CA ARG B 229 21.78 23.10 20.04
C ARG B 229 22.29 22.93 21.47
N GLN B 230 21.63 23.60 22.42
CA GLN B 230 22.04 23.49 23.83
C GLN B 230 21.97 22.05 24.32
N ALA B 231 20.87 21.35 24.04
CA ALA B 231 20.80 19.95 24.44
C ALA B 231 21.88 19.14 23.76
N ALA B 232 22.04 19.35 22.45
CA ALA B 232 23.10 18.70 21.68
C ALA B 232 24.49 19.02 22.23
N ASP B 233 24.72 20.29 22.60
CA ASP B 233 26.01 20.65 23.17
C ASP B 233 26.24 19.98 24.52
N HIS B 234 25.19 19.88 25.35
CA HIS B 234 25.37 19.21 26.64
C HIS B 234 25.71 17.74 26.44
N LEU B 235 25.03 17.07 25.50
CA LEU B 235 25.32 15.65 25.27
C LEU B 235 26.73 15.47 24.72
N THR B 236 27.11 16.27 23.73
CA THR B 236 28.44 16.17 23.14
C THR B 236 29.52 16.36 24.19
N ALA B 237 29.36 17.38 25.04
CA ALA B 237 30.35 17.65 26.07
C ALA B 237 30.41 16.54 27.11
N ALA B 238 29.35 15.77 27.28
CA ALA B 238 29.37 14.65 28.20
C ALA B 238 29.81 13.35 27.55
N GLY B 239 30.24 13.37 26.30
CA GLY B 239 30.78 12.18 25.65
C GLY B 239 29.89 11.55 24.58
N TRP B 240 28.69 12.06 24.36
CA TRP B 240 27.80 11.49 23.35
C TRP B 240 28.21 11.95 21.95
N LEU B 241 27.83 11.16 20.96
CA LEU B 241 27.93 11.55 19.56
C LEU B 241 26.51 11.76 19.05
N VAL B 242 26.14 13.03 18.88
CA VAL B 242 24.74 13.41 18.66
C VAL B 242 24.41 13.28 17.18
N ASP B 243 23.33 12.56 16.87
CA ASP B 243 22.86 12.55 15.50
C ASP B 243 21.92 13.72 15.25
N TYR B 244 20.95 13.95 16.14
CA TYR B 244 20.03 15.08 15.99
C TYR B 244 19.34 15.31 17.31
N VAL B 245 18.92 16.57 17.51
CA VAL B 245 17.92 16.97 18.49
C VAL B 245 16.98 17.88 17.73
N GLU B 246 15.69 17.53 17.69
CA GLU B 246 14.79 18.34 16.87
C GLU B 246 13.45 18.51 17.55
N ILE B 247 12.93 19.73 17.50
CA ILE B 247 11.57 20.05 17.92
C ILE B 247 10.68 19.98 16.69
N ARG B 248 9.60 19.20 16.76
CA ARG B 248 8.68 19.05 15.63
C ARG B 248 7.25 19.04 16.16
N ARG B 249 6.29 19.15 15.26
CA ARG B 249 4.88 19.07 15.65
C ARG B 249 4.56 17.67 16.16
N ALA B 250 3.82 17.62 17.27
CA ALA B 250 3.44 16.34 17.84
C ALA B 250 2.64 15.50 16.85
N ASP B 251 2.75 14.16 17.03
CA ASP B 251 2.05 13.15 16.25
C ASP B 251 2.56 13.04 14.81
N THR B 252 2.50 14.13 14.04
CA THR B 252 2.81 14.10 12.62
C THR B 252 4.29 14.28 12.30
N LEU B 253 5.07 14.87 13.20
CA LEU B 253 6.47 15.18 12.95
C LEU B 253 6.64 16.18 11.81
N GLU B 254 5.57 16.86 11.41
CA GLU B 254 5.69 18.03 10.56
C GLU B 254 6.59 19.05 11.24
N MET B 255 7.20 19.91 10.42
CA MET B 255 8.03 21.00 10.91
C MET B 255 7.30 21.82 11.97
N ALA B 256 8.02 22.15 13.04
CA ALA B 256 7.48 23.02 14.09
C ALA B 256 7.45 24.45 13.60
N ARG B 257 6.32 25.12 13.77
CA ARG B 257 6.17 26.51 13.37
C ARG B 257 6.07 27.37 14.62
N ALA B 258 6.47 28.64 14.49
CA ALA B 258 6.43 29.56 15.62
C ALA B 258 4.99 29.76 16.08
N GLY B 259 4.71 29.44 17.34
CA GLY B 259 3.37 29.56 17.89
C GLY B 259 2.65 28.25 18.06
N ASP B 260 3.23 27.14 17.60
CA ASP B 260 2.62 25.82 17.77
C ASP B 260 2.58 25.46 19.25
N LYS B 261 1.49 24.81 19.65
CA LYS B 261 1.31 24.44 21.05
C LYS B 261 1.44 22.94 21.29
N LYS B 262 1.27 22.10 20.28
CA LYS B 262 1.41 20.66 20.42
C LYS B 262 2.73 20.25 19.77
N LEU B 263 3.79 20.18 20.58
CA LEU B 263 5.12 19.89 20.09
C LEU B 263 5.63 18.56 20.63
N VAL B 264 6.75 18.11 20.05
CA VAL B 264 7.49 16.96 20.53
C VAL B 264 8.97 17.22 20.27
N VAL B 265 9.82 16.92 21.26
CA VAL B 265 11.27 16.99 21.09
C VAL B 265 11.80 15.58 20.93
N LEU B 266 12.63 15.37 19.91
CA LEU B 266 13.20 14.07 19.61
C LEU B 266 14.71 14.20 19.53
N ALA B 267 15.40 13.13 19.92
CA ALA B 267 16.86 13.10 19.79
C ALA B 267 17.34 11.68 19.57
N ALA B 268 18.50 11.58 18.93
CA ALA B 268 19.22 10.33 18.76
C ALA B 268 20.70 10.63 18.94
N ALA B 269 21.37 9.86 19.80
CA ALA B 269 22.77 10.08 20.11
C ALA B 269 23.41 8.76 20.51
N ARG B 270 24.70 8.65 20.23
CA ARG B 270 25.45 7.41 20.44
C ARG B 270 26.38 7.53 21.65
N LEU B 271 26.28 6.56 22.55
CA LEU B 271 27.28 6.30 23.57
C LEU B 271 28.12 5.13 23.08
N GLY B 272 29.37 5.39 22.72
CA GLY B 272 30.13 4.38 22.00
C GLY B 272 29.45 4.10 20.67
N THR B 273 29.26 2.80 20.38
CA THR B 273 28.61 2.37 19.14
C THR B 273 27.11 2.15 19.29
N THR B 274 26.55 2.35 20.48
CA THR B 274 25.14 2.15 20.70
C THR B 274 24.40 3.46 20.45
N ARG B 275 23.41 3.42 19.56
CA ARG B 275 22.58 4.59 19.27
C ARG B 275 21.31 4.52 20.11
N LEU B 276 21.03 5.57 20.87
CA LEU B 276 19.84 5.64 21.70
C LEU B 276 18.92 6.75 21.20
N ILE B 277 17.62 6.52 21.28
CA ILE B 277 16.63 7.49 20.85
C ILE B 277 15.64 7.67 22.00
N ASP B 278 15.04 8.86 22.06
CA ASP B 278 14.02 9.15 23.06
C ASP B 278 13.29 10.41 22.62
N ASN B 279 12.19 10.71 23.31
CA ASN B 279 11.38 11.86 22.93
C ASN B 279 10.46 12.25 24.08
N VAL B 280 10.05 13.52 24.08
CA VAL B 280 9.14 14.07 25.07
C VAL B 280 8.14 14.96 24.37
N GLU B 281 6.85 14.72 24.60
CA GLU B 281 5.79 15.56 24.09
C GLU B 281 5.54 16.70 25.07
N VAL B 282 5.53 17.94 24.55
CA VAL B 282 5.37 19.13 25.37
C VAL B 282 4.04 19.80 25.04
#